data_7ZJ5
#
_entry.id   7ZJ5
#
_cell.length_a   1.00
_cell.length_b   1.00
_cell.length_c   1.00
_cell.angle_alpha   90.00
_cell.angle_beta   90.00
_cell.angle_gamma   90.00
#
_symmetry.space_group_name_H-M   'P 1'
#
loop_
_entity.id
_entity.type
_entity.pdbx_description
1 polymer 'brocolli-pepper aptamer'
2 non-polymer 'POTASSIUM ION'
#
_entity_poly.entity_id   1
_entity_poly.type   'polyribonucleotide'
_entity_poly.pdbx_seq_one_letter_code
;GGAUACGUCUACGCUCAGUGACGGACUCUCUUCGGAGAGUCUGACAUCCGAACCAUACACGGAUGUGCCUCGCCGAACAG
UCUACGGCGAGCUUAAGCGCUGGGGACGCCCAACGCAUCACAAAGACUGAGUGAUGAACCAGAAGUAUGGACUGGUUGCG
UUGGUGGAGACGGUCGGGUCCAGUUCGCUGUCGAGUAGAGUGUGGGCUCCAUCGACGCCGCUUUAAGGUCCCCAAUCGUG
GCGUGUCGGCCUGCUUCGGCAGGCACUGGCGCCGGGACCUUGAAGAGAUGAGAUUUCGAUCUCAUCUUUGGGUGUCUCUG
GUGCUUGAGGGCCCUGUGUUCGCACAGGGCCGCUCACUGGGUGUGGACGUAUCC
;
_entity_poly.pdbx_strand_id   E
#